data_6LZH
#
_entry.id   6LZH
#
_cell.length_a   42.683
_cell.length_b   55.010
_cell.length_c   67.272
_cell.angle_alpha   101.708
_cell.angle_beta   100.514
_cell.angle_gamma   114.279
#
_symmetry.space_group_name_H-M   'P 1'
#
loop_
_entity.id
_entity.type
_entity.pdbx_description
1 polymer GrgF
2 non-polymer 'SODIUM ION'
3 water water
#
_entity_poly.entity_id   1
_entity_poly.type   'polypeptide(L)'
_entity_poly.pdbx_seq_one_letter_code
;MTASTLPRSDVEFTTLDGLTLRGWLFPASQRGPALIMSPGFNMPKDAILPDIAKWFQEHGITCLLYDPRGIGASDGEPRN
DIDARQQAEHLHDAVTWFKENPLVNEKQIALWGLCFGGNVTLAAAAFDKRVAAAIAVAPLIDSTGNPERRQPILELAMHD
RASRLDGEEPMYLPYVNEDGSIPNGLQLAAEMMPALERLGIPVENRISVQTYYKSLSWNILNVVQYISPTPAMMVTPELD
VSCPTEDQLNCFEHMKEPKELDILKGKGHLDWVFGDVESILNRQLDFLKRHMAF
;
_entity_poly.pdbx_strand_id   A,B
#
# COMPACT_ATOMS: atom_id res chain seq x y z
N LEU A 6 -21.93 7.75 31.60
CA LEU A 6 -22.00 6.30 31.46
C LEU A 6 -20.61 5.67 31.54
N PRO A 7 -20.53 4.42 31.98
CA PRO A 7 -19.24 3.73 32.03
C PRO A 7 -18.80 3.27 30.65
N ARG A 8 -17.50 3.08 30.55
CA ARG A 8 -16.86 2.56 29.37
C ARG A 8 -17.12 1.07 29.26
N SER A 9 -17.19 0.56 28.02
CA SER A 9 -17.41 -0.85 27.73
C SER A 9 -16.23 -1.42 26.95
N ASP A 10 -15.91 -2.68 27.22
CA ASP A 10 -14.99 -3.41 26.36
C ASP A 10 -15.76 -3.89 25.14
N VAL A 11 -15.21 -3.65 23.95
CA VAL A 11 -15.86 -4.04 22.70
C VAL A 11 -14.82 -4.67 21.79
N GLU A 12 -15.32 -5.43 20.81
CA GLU A 12 -14.44 -5.93 19.76
C GLU A 12 -15.24 -5.98 18.45
N PHE A 13 -14.51 -5.95 17.34
CA PHE A 13 -15.16 -6.04 16.05
C PHE A 13 -14.20 -6.72 15.08
N THR A 14 -14.76 -7.22 13.99
CA THR A 14 -14.02 -8.06 13.05
C THR A 14 -13.62 -7.26 11.80
N THR A 15 -12.41 -7.51 11.30
CA THR A 15 -11.96 -6.81 10.09
C THR A 15 -12.23 -7.67 8.85
N LEU A 16 -12.19 -7.02 7.70
CA LEU A 16 -12.40 -7.75 6.45
C LEU A 16 -11.39 -8.89 6.31
N ASP A 17 -10.16 -8.70 6.79
CA ASP A 17 -9.16 -9.76 6.67
C ASP A 17 -9.14 -10.68 7.88
N GLY A 18 -10.23 -10.74 8.65
CA GLY A 18 -10.42 -11.80 9.62
C GLY A 18 -9.87 -11.59 11.00
N LEU A 19 -9.41 -10.39 11.34
CA LEU A 19 -8.87 -10.15 12.67
C LEU A 19 -9.94 -9.62 13.62
N THR A 20 -9.77 -9.92 14.91
CA THR A 20 -10.53 -9.26 15.96
C THR A 20 -9.72 -8.09 16.51
N LEU A 21 -10.27 -6.89 16.41
CA LEU A 21 -9.69 -5.72 17.06
C LEU A 21 -10.50 -5.42 18.30
N ARG A 22 -9.82 -4.97 19.34
CA ARG A 22 -10.48 -4.77 20.64
C ARG A 22 -10.27 -3.35 21.12
N GLY A 23 -11.24 -2.85 21.86
CA GLY A 23 -11.14 -1.49 22.31
C GLY A 23 -12.22 -1.16 23.32
N TRP A 24 -12.45 0.14 23.43
CA TRP A 24 -13.32 0.70 24.44
C TRP A 24 -14.36 1.56 23.77
N LEU A 25 -15.59 1.43 24.23
CA LEU A 25 -16.71 2.25 23.80
C LEU A 25 -17.09 3.19 24.94
N PHE A 26 -17.13 4.50 24.65
CA PHE A 26 -17.57 5.52 25.61
C PHE A 26 -18.92 6.04 25.15
N PRO A 27 -20.03 5.44 25.60
CA PRO A 27 -21.35 5.82 25.08
C PRO A 27 -21.81 7.16 25.59
N ALA A 28 -22.34 7.97 24.68
CA ALA A 28 -23.07 9.16 25.07
C ALA A 28 -24.41 8.76 25.69
N SER A 29 -25.05 9.73 26.35
CA SER A 29 -26.29 9.51 27.09
C SER A 29 -27.50 9.39 26.19
N GLN A 30 -27.38 9.69 24.91
CA GLN A 30 -28.51 9.60 23.99
C GLN A 30 -27.96 9.48 22.57
N ARG A 31 -28.84 9.09 21.65
CA ARG A 31 -28.42 8.91 20.26
C ARG A 31 -27.90 10.23 19.70
N GLY A 32 -26.78 10.15 18.97
CA GLY A 32 -26.16 11.34 18.42
C GLY A 32 -24.86 11.05 17.70
N PRO A 33 -23.98 12.06 17.63
CA PRO A 33 -22.72 11.91 16.89
C PRO A 33 -21.80 10.89 17.54
N ALA A 34 -20.81 10.45 16.76
CA ALA A 34 -19.83 9.47 17.22
C ALA A 34 -18.46 9.77 16.64
N LEU A 35 -17.45 9.17 17.27
CA LEU A 35 -16.04 9.45 16.97
C LEU A 35 -15.22 8.18 17.18
N ILE A 36 -14.43 7.83 16.17
CA ILE A 36 -13.49 6.73 16.21
C ILE A 36 -12.08 7.32 16.32
N MET A 37 -11.39 7.00 17.42
CA MET A 37 -10.12 7.63 17.78
C MET A 37 -8.96 6.67 17.56
N SER A 38 -7.89 7.16 16.91
CA SER A 38 -6.74 6.34 16.55
C SER A 38 -5.51 6.88 17.26
N PRO A 39 -4.71 6.01 17.89
CA PRO A 39 -3.60 6.48 18.74
C PRO A 39 -2.31 6.70 17.96
N GLY A 40 -1.26 7.12 18.66
CA GLY A 40 -0.01 7.49 18.01
C GLY A 40 0.80 6.28 17.58
N PHE A 41 2.02 6.57 17.12
CA PHE A 41 2.85 5.58 16.46
C PHE A 41 3.21 4.43 17.38
N ASN A 42 2.86 3.21 16.97
CA ASN A 42 3.20 2.00 17.69
C ASN A 42 2.63 1.98 19.11
N MET A 43 1.55 2.75 19.36
CA MET A 43 0.99 2.87 20.69
C MET A 43 -0.39 2.21 20.78
N PRO A 44 -0.72 1.65 21.94
CA PRO A 44 -2.09 1.16 22.17
C PRO A 44 -3.00 2.34 22.52
N LYS A 45 -4.28 2.01 22.70
CA LYS A 45 -5.31 2.99 23.02
C LYS A 45 -5.17 3.59 24.42
N ASP A 46 -4.29 3.03 25.24
CA ASP A 46 -4.40 3.20 26.69
C ASP A 46 -3.98 4.59 27.19
N ALA A 47 -3.06 5.26 26.50
CA ALA A 47 -2.50 6.50 27.03
C ALA A 47 -3.09 7.72 26.31
N ILE A 48 -3.44 8.74 27.11
CA ILE A 48 -3.83 10.09 26.68
C ILE A 48 -5.24 10.10 26.07
N LEU A 49 -5.47 9.27 25.05
CA LEU A 49 -6.76 9.29 24.38
C LEU A 49 -7.94 8.99 25.29
N PRO A 50 -7.87 8.08 26.27
CA PRO A 50 -9.09 7.79 27.05
C PRO A 50 -9.70 9.02 27.71
N ASP A 51 -8.86 9.91 28.27
CA ASP A 51 -9.40 11.11 28.89
C ASP A 51 -9.99 12.05 27.85
N ILE A 52 -9.42 12.08 26.65
CA ILE A 52 -10.04 12.87 25.59
C ILE A 52 -11.36 12.25 25.17
N ALA A 53 -11.42 10.93 25.04
CA ALA A 53 -12.69 10.26 24.76
C ALA A 53 -13.72 10.62 25.83
N LYS A 54 -13.31 10.56 27.10
CA LYS A 54 -14.22 10.91 28.19
C LYS A 54 -14.77 12.32 28.04
N TRP A 55 -13.90 13.27 27.66
CA TRP A 55 -14.35 14.65 27.45
C TRP A 55 -15.38 14.74 26.33
N PHE A 56 -15.11 14.11 25.17
CA PHE A 56 -16.08 14.09 24.07
C PHE A 56 -17.37 13.40 24.49
N GLN A 57 -17.25 12.28 25.19
CA GLN A 57 -18.44 11.58 25.68
C GLN A 57 -19.29 12.51 26.55
N GLU A 58 -18.65 13.30 27.43
CA GLU A 58 -19.37 14.22 28.29
C GLU A 58 -20.05 15.33 27.50
N HIS A 59 -19.60 15.58 26.27
CA HIS A 59 -20.24 16.53 25.37
C HIS A 59 -21.12 15.85 24.32
N GLY A 60 -21.58 14.64 24.58
CA GLY A 60 -22.60 14.02 23.75
C GLY A 60 -22.09 13.21 22.58
N ILE A 61 -20.79 12.93 22.49
CA ILE A 61 -20.24 12.17 21.38
C ILE A 61 -19.85 10.79 21.86
N THR A 62 -20.42 9.75 21.23
CA THR A 62 -20.04 8.37 21.53
C THR A 62 -18.69 8.05 20.88
N CYS A 63 -17.72 7.62 21.69
CA CYS A 63 -16.37 7.40 21.21
C CYS A 63 -16.00 5.93 21.22
N LEU A 64 -15.34 5.51 20.13
CA LEU A 64 -14.73 4.20 19.98
C LEU A 64 -13.21 4.38 19.98
N LEU A 65 -12.53 3.74 20.91
CA LEU A 65 -11.08 3.82 21.02
C LEU A 65 -10.55 2.40 20.98
N TYR A 66 -9.76 2.04 19.97
CA TYR A 66 -9.38 0.65 19.84
C TYR A 66 -7.89 0.48 19.53
N ASP A 67 -7.40 -0.73 19.83
CA ASP A 67 -6.01 -1.07 19.57
C ASP A 67 -5.90 -1.49 18.12
N PRO A 68 -5.03 -0.84 17.33
CA PRO A 68 -4.84 -1.28 15.95
C PRO A 68 -4.31 -2.70 15.89
N ARG A 69 -4.34 -3.27 14.69
CA ARG A 69 -3.79 -4.59 14.45
C ARG A 69 -2.40 -4.75 15.08
N GLY A 70 -2.19 -5.86 15.78
CA GLY A 70 -0.87 -6.20 16.26
C GLY A 70 -0.43 -5.41 17.47
N ILE A 71 -1.35 -4.71 18.12
CA ILE A 71 -1.03 -3.80 19.21
C ILE A 71 -1.97 -4.10 20.37
N GLY A 72 -1.46 -3.97 21.60
CA GLY A 72 -2.34 -3.98 22.76
C GLY A 72 -3.13 -5.27 22.86
N ALA A 73 -4.45 -5.14 22.99
CA ALA A 73 -5.36 -6.28 23.13
C ALA A 73 -5.84 -6.86 21.80
N SER A 74 -5.48 -6.26 20.67
CA SER A 74 -6.02 -6.69 19.38
C SER A 74 -5.24 -7.86 18.81
N ASP A 75 -5.93 -8.66 18.00
CA ASP A 75 -5.29 -9.72 17.22
C ASP A 75 -4.28 -9.11 16.24
N GLY A 76 -3.47 -9.98 15.65
CA GLY A 76 -2.58 -9.59 14.59
C GLY A 76 -1.15 -10.04 14.82
N GLU A 77 -0.52 -10.62 13.80
CA GLU A 77 0.86 -11.06 13.84
C GLU A 77 1.58 -10.61 12.58
N PRO A 78 2.86 -10.19 12.70
CA PRO A 78 3.64 -9.96 13.92
C PRO A 78 3.05 -8.81 14.77
N ARG A 79 3.37 -8.78 16.06
CA ARG A 79 3.02 -7.61 16.86
C ARG A 79 3.86 -6.42 16.46
N ASN A 80 3.37 -5.21 16.78
CA ASN A 80 4.18 -4.00 16.59
C ASN A 80 4.72 -3.94 15.17
N ASP A 81 3.81 -4.17 14.23
CA ASP A 81 4.12 -4.30 12.81
C ASP A 81 3.10 -3.38 12.12
N ILE A 82 3.54 -2.22 11.68
CA ILE A 82 2.67 -1.09 11.39
C ILE A 82 2.41 -1.07 9.89
N ASP A 83 1.15 -0.87 9.51
CA ASP A 83 0.74 -0.87 8.11
C ASP A 83 -0.35 0.18 7.96
N ALA A 84 0.01 1.38 7.50
CA ALA A 84 -0.96 2.46 7.42
C ALA A 84 -2.11 2.09 6.50
N ARG A 85 -1.82 1.52 5.33
CA ARG A 85 -2.90 1.14 4.42
C ARG A 85 -3.88 0.19 5.10
N GLN A 86 -3.37 -0.85 5.75
CA GLN A 86 -4.27 -1.80 6.41
C GLN A 86 -5.04 -1.13 7.55
N GLN A 87 -4.37 -0.22 8.27
CA GLN A 87 -5.02 0.41 9.42
C GLN A 87 -6.13 1.34 8.96
N ALA A 88 -5.91 2.03 7.84
CA ALA A 88 -6.99 2.82 7.25
C ALA A 88 -8.14 1.93 6.84
N GLU A 89 -7.82 0.79 6.20
CA GLU A 89 -8.88 -0.17 5.84
C GLU A 89 -9.67 -0.58 7.07
N HIS A 90 -8.97 -0.81 8.18
CA HIS A 90 -9.65 -1.25 9.39
C HIS A 90 -10.57 -0.17 9.94
N LEU A 91 -10.26 1.10 9.70
CA LEU A 91 -11.17 2.17 10.10
C LEU A 91 -12.47 2.14 9.30
N HIS A 92 -12.40 1.70 8.03
CA HIS A 92 -13.65 1.44 7.30
C HIS A 92 -14.45 0.33 7.96
N ASP A 93 -13.78 -0.71 8.45
CA ASP A 93 -14.49 -1.78 9.14
C ASP A 93 -15.04 -1.28 10.48
N ALA A 94 -14.32 -0.39 11.13
CA ALA A 94 -14.83 0.20 12.37
C ALA A 94 -16.08 1.04 12.11
N VAL A 95 -16.08 1.84 11.03
CA VAL A 95 -17.26 2.62 10.68
C VAL A 95 -18.46 1.69 10.42
N THR A 96 -18.24 0.61 9.67
CA THR A 96 -19.28 -0.38 9.41
C THR A 96 -19.87 -0.92 10.71
N TRP A 97 -18.99 -1.34 11.63
CA TRP A 97 -19.43 -1.81 12.94
C TRP A 97 -20.22 -0.72 13.68
N PHE A 98 -19.67 0.50 13.74
CA PHE A 98 -20.23 1.53 14.59
C PHE A 98 -21.64 1.91 14.16
N LYS A 99 -21.89 1.90 12.86
CA LYS A 99 -23.19 2.27 12.33
C LYS A 99 -24.33 1.43 12.92
N GLU A 100 -24.03 0.21 13.37
CA GLU A 100 -25.07 -0.63 13.94
C GLU A 100 -25.42 -0.28 15.37
N ASN A 101 -24.67 0.62 16.00
CA ASN A 101 -25.03 1.00 17.36
C ASN A 101 -26.19 1.99 17.34
N PRO A 102 -27.28 1.72 18.07
CA PRO A 102 -28.44 2.63 18.03
C PRO A 102 -28.18 3.98 18.68
N LEU A 103 -27.08 4.13 19.42
CA LEU A 103 -26.68 5.43 19.92
C LEU A 103 -25.99 6.28 18.86
N VAL A 104 -25.66 5.71 17.70
CA VAL A 104 -24.84 6.38 16.70
C VAL A 104 -25.71 6.77 15.51
N ASN A 105 -25.82 8.09 15.29
CA ASN A 105 -26.38 8.63 14.06
C ASN A 105 -25.40 8.40 12.92
N GLU A 106 -25.80 7.60 11.92
CA GLU A 106 -24.83 7.18 10.91
C GLU A 106 -24.40 8.33 10.00
N LYS A 107 -25.06 9.48 10.07
CA LYS A 107 -24.60 10.65 9.34
C LYS A 107 -23.70 11.56 10.19
N GLN A 108 -23.35 11.13 11.40
CA GLN A 108 -22.53 11.92 12.31
C GLN A 108 -21.37 11.10 12.87
N ILE A 109 -20.72 10.32 12.02
CA ILE A 109 -19.58 9.51 12.43
C ILE A 109 -18.32 10.21 11.97
N ALA A 110 -17.50 10.63 12.92
CA ALA A 110 -16.26 11.33 12.63
C ALA A 110 -15.06 10.45 12.98
N LEU A 111 -13.92 10.77 12.38
CA LEU A 111 -12.65 10.11 12.68
C LEU A 111 -11.73 11.13 13.34
N TRP A 112 -10.94 10.67 14.29
CA TRP A 112 -10.01 11.52 15.03
C TRP A 112 -8.72 10.72 15.22
N GLY A 113 -7.58 11.35 15.00
CA GLY A 113 -6.33 10.62 15.14
C GLY A 113 -5.21 11.51 15.64
N LEU A 114 -4.34 10.94 16.46
CA LEU A 114 -3.17 11.63 16.99
C LEU A 114 -1.91 10.99 16.40
N CYS A 115 -1.01 11.83 15.90
CA CYS A 115 0.32 11.39 15.45
C CYS A 115 0.12 10.41 14.30
N PHE A 116 0.66 9.19 14.35
CA PHE A 116 0.45 8.24 13.25
C PHE A 116 -1.04 7.97 13.05
N GLY A 117 -1.83 7.98 14.13
CA GLY A 117 -3.27 7.82 14.01
C GLY A 117 -3.92 8.90 13.16
N GLY A 118 -3.29 10.08 13.10
CA GLY A 118 -3.82 11.16 12.28
C GLY A 118 -3.53 10.96 10.81
N ASN A 119 -2.40 10.33 10.50
CA ASN A 119 -2.11 9.91 9.13
C ASN A 119 -3.17 8.91 8.66
N VAL A 120 -3.40 7.87 9.45
CA VAL A 120 -4.40 6.85 9.08
C VAL A 120 -5.81 7.45 9.00
N THR A 121 -6.12 8.36 9.92
CA THR A 121 -7.42 9.03 9.90
C THR A 121 -7.63 9.80 8.59
N LEU A 122 -6.65 10.60 8.18
CA LEU A 122 -6.79 11.34 6.92
C LEU A 122 -6.93 10.40 5.72
N ALA A 123 -6.17 9.29 5.72
CA ALA A 123 -6.26 8.37 4.60
C ALA A 123 -7.63 7.69 4.55
N ALA A 124 -8.14 7.30 5.72
CA ALA A 124 -9.48 6.68 5.74
C ALA A 124 -10.54 7.67 5.27
N ALA A 125 -10.41 8.95 5.67
CA ALA A 125 -11.35 9.96 5.20
C ALA A 125 -11.22 10.18 3.70
N ALA A 126 -10.05 9.92 3.13
CA ALA A 126 -9.86 10.06 1.69
C ALA A 126 -10.73 9.08 0.93
N PHE A 127 -11.00 7.91 1.52
CA PHE A 127 -11.64 6.82 0.78
C PHE A 127 -13.09 6.57 1.17
N ASP A 128 -13.50 6.97 2.36
CA ASP A 128 -14.77 6.51 2.92
C ASP A 128 -15.72 7.69 3.12
N LYS A 129 -16.63 7.89 2.15
CA LYS A 129 -17.56 9.01 2.25
C LYS A 129 -18.69 8.77 3.23
N ARG A 130 -18.74 7.62 3.92
CA ARG A 130 -19.62 7.47 5.06
C ARG A 130 -19.14 8.28 6.27
N VAL A 131 -17.89 8.74 6.26
CA VAL A 131 -17.35 9.53 7.35
C VAL A 131 -17.85 10.97 7.21
N ALA A 132 -18.38 11.54 8.29
CA ALA A 132 -18.94 12.87 8.23
C ALA A 132 -17.91 13.97 8.41
N ALA A 133 -16.79 13.68 9.07
CA ALA A 133 -15.77 14.68 9.40
C ALA A 133 -14.55 13.94 9.92
N ALA A 134 -13.39 14.59 9.80
CA ALA A 134 -12.13 13.99 10.23
C ALA A 134 -11.27 15.04 10.91
N ILE A 135 -10.61 14.66 12.02
CA ILE A 135 -9.68 15.53 12.74
C ILE A 135 -8.34 14.82 12.87
N ALA A 136 -7.27 15.48 12.44
CA ALA A 136 -5.92 14.97 12.58
C ALA A 136 -5.14 15.88 13.53
N VAL A 137 -4.64 15.32 14.63
CA VAL A 137 -3.87 16.06 15.62
C VAL A 137 -2.42 15.66 15.50
N ALA A 138 -1.54 16.65 15.25
CA ALA A 138 -0.11 16.48 15.04
C ALA A 138 0.20 15.26 14.18
N PRO A 139 -0.37 15.14 12.97
CA PRO A 139 -0.21 13.90 12.21
C PRO A 139 1.23 13.66 11.78
N LEU A 140 1.64 12.38 11.82
CA LEU A 140 2.95 11.98 11.32
C LEU A 140 2.84 11.83 9.81
N ILE A 141 3.60 12.63 9.07
CA ILE A 141 3.44 12.70 7.62
C ILE A 141 4.47 11.85 6.89
N ASP A 142 5.73 11.84 7.36
CA ASP A 142 6.78 11.15 6.62
C ASP A 142 7.65 10.36 7.58
N SER A 143 7.81 9.06 7.30
CA SER A 143 8.68 8.17 8.05
C SER A 143 9.98 7.86 7.31
N THR A 144 10.20 8.47 6.13
CA THR A 144 11.33 8.10 5.29
C THR A 144 12.65 8.30 6.01
N GLY A 145 12.78 9.35 6.81
CA GLY A 145 14.08 9.66 7.39
C GLY A 145 15.00 10.12 6.29
N ASN A 146 16.28 9.78 6.41
CA ASN A 146 17.25 10.06 5.35
C ASN A 146 17.17 8.93 4.33
N PRO A 147 16.75 9.20 3.08
CA PRO A 147 16.58 8.11 2.11
C PRO A 147 17.88 7.43 1.72
N GLU A 148 19.03 7.96 2.11
CA GLU A 148 20.32 7.32 1.87
C GLU A 148 20.76 6.42 3.02
N ARG A 149 19.93 6.26 4.06
CA ARG A 149 20.05 5.14 4.98
C ARG A 149 18.84 4.20 4.85
N ARG A 150 18.11 4.30 3.75
CA ARG A 150 17.04 3.33 3.47
C ARG A 150 17.60 1.96 3.15
N GLN A 151 18.81 1.89 2.60
CA GLN A 151 19.34 0.64 2.06
C GLN A 151 19.50 -0.43 3.13
N PRO A 152 20.12 -0.17 4.28
CA PRO A 152 20.24 -1.24 5.27
C PRO A 152 18.90 -1.79 5.72
N ILE A 153 17.92 -0.93 5.98
CA ILE A 153 16.66 -1.47 6.51
C ILE A 153 15.92 -2.26 5.43
N LEU A 154 16.02 -1.84 4.17
CA LEU A 154 15.41 -2.63 3.10
C LEU A 154 16.07 -4.01 2.99
N GLU A 155 17.40 -4.07 3.15
CA GLU A 155 18.08 -5.36 3.13
C GLU A 155 17.62 -6.24 4.29
N LEU A 156 17.47 -5.64 5.49
CA LEU A 156 16.93 -6.36 6.63
C LEU A 156 15.53 -6.88 6.35
N ALA A 157 14.72 -6.07 5.67
CA ALA A 157 13.37 -6.51 5.32
C ALA A 157 13.40 -7.70 4.38
N MET A 158 14.34 -7.73 3.43
CA MET A 158 14.44 -8.91 2.55
C MET A 158 14.92 -10.12 3.33
N HIS A 159 15.88 -9.93 4.23
CA HIS A 159 16.33 -11.05 5.04
C HIS A 159 15.22 -11.54 5.97
N ASP A 160 14.42 -10.61 6.51
CA ASP A 160 13.34 -10.97 7.40
C ASP A 160 12.30 -11.85 6.70
N ARG A 161 11.89 -11.47 5.48
CA ARG A 161 10.98 -12.30 4.70
C ARG A 161 11.50 -13.73 4.58
N ALA A 162 12.72 -13.85 4.06
CA ALA A 162 13.29 -15.17 3.77
C ALA A 162 13.44 -16.00 5.04
N SER A 163 13.84 -15.36 6.15
CA SER A 163 14.01 -16.06 7.41
C SER A 163 12.67 -16.53 7.98
N ARG A 164 11.65 -15.68 7.90
CA ARG A 164 10.33 -16.10 8.36
C ARG A 164 9.78 -17.23 7.49
N LEU A 165 10.06 -17.19 6.17
CA LEU A 165 9.69 -18.31 5.31
C LEU A 165 10.31 -19.63 5.77
N ASP A 166 11.43 -19.59 6.51
CA ASP A 166 12.02 -20.77 7.11
C ASP A 166 11.66 -20.95 8.58
N GLY A 167 10.63 -20.26 9.06
CA GLY A 167 10.13 -20.46 10.40
C GLY A 167 10.80 -19.65 11.48
N GLU A 168 11.71 -18.74 11.13
CA GLU A 168 12.29 -17.86 12.13
C GLU A 168 11.25 -16.84 12.61
N GLU A 169 11.49 -16.30 13.80
CA GLU A 169 10.63 -15.24 14.30
C GLU A 169 10.89 -13.95 13.51
N PRO A 170 9.90 -13.04 13.49
CA PRO A 170 10.10 -11.76 12.78
C PRO A 170 11.19 -10.93 13.42
N MET A 171 11.89 -10.15 12.60
CA MET A 171 12.96 -9.31 13.10
C MET A 171 12.44 -7.94 13.49
N TYR A 172 12.95 -7.41 14.59
CA TYR A 172 12.53 -6.11 15.09
C TYR A 172 13.73 -5.18 15.19
N LEU A 173 13.46 -3.90 15.05
CA LEU A 173 14.46 -2.90 15.34
C LEU A 173 14.13 -2.18 16.64
N PRO A 174 15.12 -1.86 17.46
CA PRO A 174 14.86 -1.02 18.63
C PRO A 174 14.78 0.45 18.24
N TYR A 175 14.12 1.22 19.10
CA TYR A 175 14.07 2.66 18.91
C TYR A 175 15.48 3.26 18.98
N VAL A 176 16.34 2.68 19.80
CA VAL A 176 17.72 3.14 20.02
C VAL A 176 18.61 1.90 20.08
N ASN A 177 19.60 1.81 19.18
CA ASN A 177 20.57 0.73 19.26
C ASN A 177 21.41 0.86 20.53
N GLU A 178 21.99 -0.27 20.95
CA GLU A 178 22.79 -0.26 22.18
C GLU A 178 23.94 0.73 22.10
N ASP A 179 24.42 1.03 20.89
CA ASP A 179 25.47 2.01 20.72
C ASP A 179 24.95 3.45 20.75
N GLY A 180 23.69 3.66 21.09
CA GLY A 180 23.12 5.00 21.12
C GLY A 180 22.59 5.50 19.79
N SER A 181 22.75 4.72 18.73
CA SER A 181 22.23 5.13 17.42
C SER A 181 20.71 5.01 17.37
N ILE A 182 20.13 5.66 16.38
CA ILE A 182 18.70 5.57 16.09
C ILE A 182 18.56 5.00 14.68
N PRO A 183 17.83 3.91 14.49
CA PRO A 183 17.56 3.43 13.13
C PRO A 183 16.87 4.50 12.29
N ASN A 184 17.04 4.39 10.96
CA ASN A 184 16.81 5.49 10.03
C ASN A 184 15.47 6.20 10.25
N GLY A 185 14.37 5.46 10.19
CA GLY A 185 13.08 6.12 10.28
C GLY A 185 12.45 6.11 11.67
N LEU A 186 13.28 6.25 12.70
CA LEU A 186 12.80 6.01 14.06
C LEU A 186 13.06 7.16 15.02
N GLN A 187 13.42 8.35 14.54
CA GLN A 187 13.77 9.42 15.47
C GLN A 187 12.56 9.91 16.27
N LEU A 188 11.39 10.03 15.62
CA LEU A 188 10.20 10.39 16.38
C LEU A 188 9.98 9.42 17.53
N ALA A 189 10.08 8.13 17.24
CA ALA A 189 9.87 7.10 18.26
C ALA A 189 10.90 7.23 19.37
N ALA A 190 12.17 7.37 19.00
CA ALA A 190 13.22 7.44 20.00
C ALA A 190 13.12 8.73 20.82
N GLU A 191 12.55 9.80 20.23
CA GLU A 191 12.36 11.06 20.95
C GLU A 191 11.17 11.00 21.88
N MET A 192 10.09 10.35 21.47
CA MET A 192 8.89 10.33 22.28
C MET A 192 9.01 9.36 23.45
N MET A 193 9.67 8.22 23.23
CA MET A 193 9.70 7.14 24.22
C MET A 193 10.15 7.61 25.62
N PRO A 194 11.27 8.35 25.78
CA PRO A 194 11.65 8.75 27.14
C PRO A 194 10.66 9.69 27.81
N ALA A 195 10.01 10.59 27.06
CA ALA A 195 9.03 11.47 27.68
C ALA A 195 7.80 10.69 28.11
N LEU A 196 7.35 9.75 27.28
CA LEU A 196 6.19 8.94 27.62
C LEU A 196 6.48 8.08 28.84
N GLU A 197 7.65 7.40 28.85
CA GLU A 197 7.99 6.54 29.97
C GLU A 197 8.26 7.34 31.23
N ARG A 198 8.80 8.56 31.08
CA ARG A 198 8.95 9.48 32.19
C ARG A 198 7.62 9.75 32.89
N LEU A 199 6.53 9.80 32.12
CA LEU A 199 5.21 10.04 32.67
C LEU A 199 4.45 8.76 33.00
N GLY A 200 5.15 7.64 33.07
CA GLY A 200 4.51 6.39 33.47
C GLY A 200 3.74 5.69 32.39
N ILE A 201 3.86 6.13 31.14
CA ILE A 201 3.18 5.50 30.02
C ILE A 201 4.10 4.41 29.47
N PRO A 202 3.68 3.15 29.46
CA PRO A 202 4.56 2.09 28.94
C PRO A 202 4.69 2.20 27.44
N VAL A 203 5.89 1.93 26.95
CA VAL A 203 6.20 2.04 25.54
C VAL A 203 6.86 0.75 25.09
N GLU A 204 6.32 0.16 24.01
CA GLU A 204 6.98 -0.96 23.34
C GLU A 204 8.08 -0.38 22.45
N ASN A 205 9.35 -0.61 22.82
CA ASN A 205 10.47 0.05 22.17
C ASN A 205 11.00 -0.74 20.97
N ARG A 206 10.16 -1.55 20.33
CA ARG A 206 10.56 -2.33 19.17
C ARG A 206 9.48 -2.21 18.09
N ILE A 207 9.92 -2.25 16.84
CA ILE A 207 9.04 -2.15 15.70
C ILE A 207 9.56 -3.12 14.65
N SER A 208 8.65 -3.79 13.92
CA SER A 208 9.09 -4.75 12.92
C SER A 208 9.86 -4.03 11.81
N VAL A 209 10.87 -4.72 11.26
CA VAL A 209 11.57 -4.14 10.12
C VAL A 209 10.64 -3.97 8.93
N GLN A 210 9.56 -4.76 8.85
CA GLN A 210 8.65 -4.61 7.73
C GLN A 210 7.91 -3.28 7.80
N THR A 211 7.81 -2.70 8.99
CA THR A 211 7.16 -1.40 9.13
C THR A 211 7.79 -0.39 8.18
N TYR A 212 9.13 -0.35 8.09
CA TYR A 212 9.80 0.61 7.23
C TYR A 212 9.57 0.29 5.76
N TYR A 213 9.61 -1.00 5.40
CA TYR A 213 9.29 -1.43 4.03
C TYR A 213 7.92 -0.91 3.58
N LYS A 214 6.88 -1.14 4.37
CA LYS A 214 5.55 -0.71 3.95
C LYS A 214 5.41 0.81 3.90
N SER A 215 6.10 1.54 4.79
CA SER A 215 5.94 2.99 4.75
C SER A 215 6.55 3.60 3.50
N LEU A 216 7.56 2.96 2.89
CA LEU A 216 8.13 3.54 1.68
C LEU A 216 7.12 3.61 0.56
N SER A 217 6.12 2.73 0.55
CA SER A 217 5.09 2.73 -0.47
C SER A 217 3.85 3.50 -0.05
N TRP A 218 3.89 4.14 1.11
CA TRP A 218 2.75 4.87 1.65
C TRP A 218 3.12 6.35 1.71
N ASN A 219 2.39 7.17 0.97
CA ASN A 219 2.64 8.61 0.92
C ASN A 219 1.29 9.30 1.06
N ILE A 220 0.99 9.75 2.28
CA ILE A 220 -0.30 10.37 2.58
C ILE A 220 -0.54 11.58 1.67
N LEU A 221 0.52 12.27 1.27
CA LEU A 221 0.36 13.42 0.38
C LEU A 221 -0.30 13.03 -0.95
N ASN A 222 -0.25 11.75 -1.32
CA ASN A 222 -0.82 11.32 -2.59
C ASN A 222 -2.32 11.08 -2.55
N VAL A 223 -2.95 11.05 -1.36
CA VAL A 223 -4.37 10.74 -1.33
C VAL A 223 -5.18 11.78 -0.56
N VAL A 224 -4.53 12.71 0.15
CA VAL A 224 -5.31 13.65 0.96
C VAL A 224 -6.13 14.61 0.10
N GLN A 225 -5.78 14.79 -1.17
CA GLN A 225 -6.61 15.62 -2.04
C GLN A 225 -7.99 15.02 -2.27
N TYR A 226 -8.16 13.73 -2.00
CA TYR A 226 -9.45 13.06 -2.17
C TYR A 226 -10.35 13.15 -0.95
N ILE A 227 -9.89 13.73 0.15
CA ILE A 227 -10.78 13.84 1.31
C ILE A 227 -11.99 14.69 0.97
N SER A 228 -11.75 15.84 0.34
CA SER A 228 -12.89 16.71 0.05
C SER A 228 -13.88 15.99 -0.85
N PRO A 229 -15.19 16.14 -0.64
CA PRO A 229 -15.77 17.20 0.21
C PRO A 229 -16.02 16.86 1.68
N THR A 230 -15.41 15.79 2.20
CA THR A 230 -15.53 15.46 3.63
C THR A 230 -14.77 16.50 4.47
N PRO A 231 -15.45 17.25 5.34
CA PRO A 231 -14.75 18.29 6.12
C PRO A 231 -13.62 17.70 6.96
N ALA A 232 -12.47 18.37 6.94
CA ALA A 232 -11.27 17.87 7.61
C ALA A 232 -10.60 18.99 8.39
N MET A 233 -10.14 18.67 9.60
CA MET A 233 -9.45 19.64 10.43
C MET A 233 -8.08 19.11 10.80
N MET A 234 -7.07 19.96 10.65
CA MET A 234 -5.76 19.62 11.17
C MET A 234 -5.43 20.47 12.37
N VAL A 235 -4.84 19.84 13.39
CA VAL A 235 -4.43 20.51 14.63
C VAL A 235 -2.94 20.33 14.78
N THR A 236 -2.19 21.40 14.55
CA THR A 236 -0.76 21.32 14.36
C THR A 236 -0.06 22.13 15.45
N PRO A 237 0.75 21.49 16.31
CA PRO A 237 1.56 22.28 17.25
C PRO A 237 2.51 23.15 16.47
N GLU A 238 2.69 24.40 16.94
CA GLU A 238 3.54 25.35 16.22
C GLU A 238 4.99 24.91 16.21
N LEU A 239 5.44 24.25 17.27
CA LEU A 239 6.85 23.95 17.51
C LEU A 239 7.07 22.45 17.55
N ASP A 240 6.39 21.72 16.66
CA ASP A 240 6.50 20.26 16.62
C ASP A 240 7.81 19.91 15.92
N VAL A 241 8.77 19.39 16.69
CA VAL A 241 10.04 18.95 16.13
C VAL A 241 10.10 17.43 15.96
N SER A 242 9.11 16.70 16.48
CA SER A 242 9.00 15.25 16.35
C SER A 242 8.28 14.85 15.07
N CYS A 243 7.09 15.41 14.83
CA CYS A 243 6.38 15.37 13.56
C CYS A 243 6.50 16.79 13.00
N PRO A 244 7.55 17.10 12.19
CA PRO A 244 7.82 18.49 11.80
C PRO A 244 6.58 19.30 11.41
N THR A 245 6.38 20.43 12.07
CA THR A 245 5.30 21.34 11.70
C THR A 245 5.28 21.62 10.20
N GLU A 246 6.47 21.75 9.58
CA GLU A 246 6.50 21.99 8.14
C GLU A 246 5.86 20.84 7.39
N ASP A 247 6.13 19.60 7.80
CA ASP A 247 5.51 18.43 7.16
C ASP A 247 3.99 18.49 7.29
N GLN A 248 3.49 18.76 8.51
CA GLN A 248 2.04 18.81 8.73
C GLN A 248 1.39 19.89 7.86
N LEU A 249 2.01 21.06 7.76
CA LEU A 249 1.44 22.14 6.96
C LEU A 249 1.53 21.81 5.48
N ASN A 250 2.59 21.10 5.08
CA ASN A 250 2.67 20.61 3.71
C ASN A 250 1.49 19.69 3.39
N CYS A 251 1.17 18.79 4.31
CA CYS A 251 0.00 17.95 4.11
C CYS A 251 -1.28 18.79 4.02
N PHE A 252 -1.46 19.74 4.94
CA PHE A 252 -2.63 20.62 4.87
C PHE A 252 -2.69 21.34 3.53
N GLU A 253 -1.54 21.79 3.01
CA GLU A 253 -1.54 22.51 1.75
C GLU A 253 -2.01 21.63 0.60
N HIS A 254 -1.73 20.32 0.67
CA HIS A 254 -2.16 19.38 -0.37
C HIS A 254 -3.64 19.03 -0.28
N MET A 255 -4.28 19.29 0.86
CA MET A 255 -5.70 19.00 0.97
C MET A 255 -6.55 20.08 0.27
N LYS A 256 -7.76 19.70 -0.10
CA LYS A 256 -8.72 20.64 -0.66
C LYS A 256 -9.70 21.13 0.41
N GLU A 257 -10.35 22.27 0.12
CA GLU A 257 -11.47 22.72 0.94
C GLU A 257 -12.64 21.74 0.79
N PRO A 258 -13.48 21.57 1.82
CA PRO A 258 -13.44 22.27 3.11
C PRO A 258 -12.41 21.67 4.08
N LYS A 259 -11.49 22.51 4.53
CA LYS A 259 -10.45 22.08 5.45
C LYS A 259 -10.18 23.23 6.41
N GLU A 260 -9.88 22.90 7.66
CA GLU A 260 -9.66 23.92 8.66
C GLU A 260 -8.43 23.58 9.49
N LEU A 261 -7.64 24.61 9.80
CA LEU A 261 -6.37 24.46 10.48
C LEU A 261 -6.41 25.17 11.83
N ASP A 262 -5.98 24.47 12.87
CA ASP A 262 -5.71 25.09 14.17
C ASP A 262 -4.24 24.90 14.50
N ILE A 263 -3.52 25.99 14.77
CA ILE A 263 -2.14 25.94 15.22
C ILE A 263 -2.13 26.04 16.74
N LEU A 264 -1.45 25.11 17.42
CA LEU A 264 -1.34 25.19 18.88
C LEU A 264 -0.11 26.03 19.20
N LYS A 265 -0.34 27.31 19.51
CA LYS A 265 0.75 28.26 19.66
C LYS A 265 1.67 27.87 20.81
N GLY A 266 2.97 27.85 20.54
CA GLY A 266 3.96 27.58 21.57
C GLY A 266 4.12 26.13 21.97
N LYS A 267 3.45 25.20 21.30
CA LYS A 267 3.43 23.82 21.74
C LYS A 267 4.18 22.93 20.77
N GLY A 268 4.79 21.88 21.34
CA GLY A 268 5.42 20.83 20.58
C GLY A 268 4.51 19.64 20.40
N HIS A 269 5.12 18.49 20.09
CA HIS A 269 4.37 17.32 19.63
C HIS A 269 3.44 16.78 20.70
N LEU A 270 3.87 16.85 21.95
CA LEU A 270 3.16 16.26 23.08
C LEU A 270 2.82 17.26 24.17
N ASP A 271 3.66 18.26 24.40
CA ASP A 271 3.50 19.10 25.58
C ASP A 271 2.25 19.96 25.54
N TRP A 272 1.51 19.96 24.43
CA TRP A 272 0.21 20.60 24.47
C TRP A 272 -0.73 19.95 25.49
N VAL A 273 -0.45 18.71 25.91
CA VAL A 273 -1.29 18.08 26.92
C VAL A 273 -1.21 18.79 28.26
N PHE A 274 -0.25 19.69 28.45
CA PHE A 274 -0.14 20.48 29.68
C PHE A 274 -0.65 21.90 29.51
N GLY A 275 -1.17 22.24 28.33
CA GLY A 275 -1.74 23.54 28.07
C GLY A 275 -3.24 23.57 28.25
N ASP A 276 -3.89 24.50 27.58
CA ASP A 276 -5.33 24.74 27.71
C ASP A 276 -6.08 23.72 26.86
N VAL A 277 -6.11 22.48 27.37
CA VAL A 277 -6.70 21.41 26.58
C VAL A 277 -8.21 21.59 26.45
N GLU A 278 -8.85 22.20 27.45
CA GLU A 278 -10.28 22.50 27.33
C GLU A 278 -10.55 23.35 26.10
N SER A 279 -9.72 24.36 25.87
CA SER A 279 -9.94 25.22 24.72
C SER A 279 -9.58 24.50 23.43
N ILE A 280 -8.57 23.63 23.46
CA ILE A 280 -8.22 22.82 22.29
C ILE A 280 -9.40 21.96 21.88
N LEU A 281 -10.01 21.27 22.86
CA LEU A 281 -11.10 20.35 22.54
C LEU A 281 -12.40 21.09 22.21
N ASN A 282 -12.65 22.25 22.84
CA ASN A 282 -13.83 23.04 22.48
C ASN A 282 -13.79 23.45 21.02
N ARG A 283 -12.60 23.81 20.54
CA ARG A 283 -12.42 24.17 19.13
C ARG A 283 -12.78 23.00 18.21
N GLN A 284 -12.26 21.80 18.53
CA GLN A 284 -12.57 20.62 17.74
C GLN A 284 -14.04 20.25 17.86
N LEU A 285 -14.60 20.38 19.05
CA LEU A 285 -16.03 20.15 19.23
C LEU A 285 -16.86 21.12 18.37
N ASP A 286 -16.44 22.38 18.29
CA ASP A 286 -17.15 23.35 17.46
C ASP A 286 -17.07 22.97 15.99
N PHE A 287 -15.88 22.54 15.54
CA PHE A 287 -15.72 22.03 14.19
C PHE A 287 -16.71 20.90 13.91
N LEU A 288 -16.76 19.91 14.81
CA LEU A 288 -17.68 18.80 14.65
C LEU A 288 -19.14 19.26 14.66
N LYS A 289 -19.49 20.20 15.55
CA LYS A 289 -20.88 20.67 15.62
C LYS A 289 -21.28 21.37 14.35
N ARG A 290 -20.39 22.21 13.80
CA ARG A 290 -20.71 22.95 12.59
C ARG A 290 -20.87 22.04 11.39
N HIS A 291 -20.03 21.01 11.26
CA HIS A 291 -20.03 20.20 10.04
C HIS A 291 -20.92 18.96 10.11
N MET A 292 -21.12 18.39 11.29
CA MET A 292 -22.02 17.26 11.45
C MET A 292 -23.40 17.68 11.96
N ALA A 293 -23.60 18.98 12.24
CA ALA A 293 -24.87 19.57 12.63
C ALA A 293 -25.48 18.94 13.87
N PHE A 294 -25.00 19.35 15.05
CA PHE A 294 -25.59 18.94 16.33
C PHE A 294 -25.25 19.93 17.44
N LEU B 6 14.85 -28.27 -23.18
CA LEU B 6 14.24 -28.90 -22.01
C LEU B 6 12.76 -28.57 -21.93
N PRO B 7 11.97 -29.43 -21.29
CA PRO B 7 10.54 -29.17 -21.18
C PRO B 7 10.22 -28.31 -19.97
N ARG B 8 9.12 -27.59 -20.08
CA ARG B 8 8.67 -26.73 -19.00
C ARG B 8 7.98 -27.53 -17.91
N SER B 9 8.26 -27.17 -16.65
CA SER B 9 7.75 -27.88 -15.49
C SER B 9 6.72 -27.03 -14.75
N ASP B 10 5.71 -27.70 -14.20
CA ASP B 10 4.79 -27.06 -13.27
C ASP B 10 5.52 -26.85 -11.95
N VAL B 11 5.46 -25.63 -11.42
CA VAL B 11 6.10 -25.33 -10.14
C VAL B 11 5.13 -24.52 -9.31
N GLU B 12 5.41 -24.46 -8.01
CA GLU B 12 4.63 -23.60 -7.14
C GLU B 12 5.52 -23.18 -5.97
N PHE B 13 5.13 -22.10 -5.32
CA PHE B 13 5.91 -21.61 -4.20
C PHE B 13 5.00 -20.85 -3.24
N THR B 14 5.41 -20.83 -1.97
CA THR B 14 4.63 -20.24 -0.89
C THR B 14 5.03 -18.80 -0.65
N THR B 15 4.04 -17.94 -0.42
CA THR B 15 4.37 -16.56 -0.09
C THR B 15 4.45 -16.37 1.42
N LEU B 16 5.04 -15.25 1.83
CA LEU B 16 5.13 -14.96 3.26
C LEU B 16 3.75 -14.87 3.89
N ASP B 17 2.75 -14.35 3.18
CA ASP B 17 1.41 -14.24 3.73
C ASP B 17 0.57 -15.47 3.45
N GLY B 18 1.19 -16.61 3.15
CA GLY B 18 0.52 -17.89 3.22
C GLY B 18 -0.19 -18.39 1.99
N LEU B 19 0.10 -17.82 0.81
CA LEU B 19 -0.52 -18.28 -0.43
C LEU B 19 0.40 -19.21 -1.21
N THR B 20 -0.20 -20.06 -2.04
CA THR B 20 0.55 -20.86 -3.01
C THR B 20 0.33 -20.23 -4.38
N LEU B 21 1.39 -19.69 -4.96
CA LEU B 21 1.38 -19.20 -6.33
C LEU B 21 1.91 -20.30 -7.25
N ARG B 22 1.28 -20.44 -8.42
CA ARG B 22 1.61 -21.52 -9.33
C ARG B 22 2.06 -20.96 -10.67
N GLY B 23 3.01 -21.65 -11.27
CA GLY B 23 3.56 -21.21 -12.53
C GLY B 23 4.25 -22.33 -13.27
N TRP B 24 5.02 -21.92 -14.26
CA TRP B 24 5.83 -22.81 -15.09
C TRP B 24 7.28 -22.42 -14.94
N LEU B 25 8.15 -23.42 -15.01
CA LEU B 25 9.59 -23.23 -15.02
C LEU B 25 10.13 -23.62 -16.40
N PHE B 26 10.96 -22.77 -16.96
CA PHE B 26 11.58 -23.02 -18.25
C PHE B 26 13.07 -23.17 -18.02
N PRO B 27 13.54 -24.35 -17.63
CA PRO B 27 14.94 -24.46 -17.18
C PRO B 27 15.91 -24.36 -18.34
N ALA B 28 17.01 -23.65 -18.10
CA ALA B 28 18.07 -23.64 -19.08
C ALA B 28 18.85 -24.94 -18.99
N SER B 29 19.62 -25.23 -20.04
CA SER B 29 20.35 -26.49 -20.10
C SER B 29 21.49 -26.59 -19.09
N GLN B 30 21.87 -25.47 -18.44
CA GLN B 30 22.88 -25.48 -17.38
C GLN B 30 22.56 -24.37 -16.39
N ARG B 31 23.24 -24.43 -15.22
CA ARG B 31 23.15 -23.36 -14.24
C ARG B 31 23.58 -22.04 -14.88
N GLY B 32 22.77 -21.02 -14.69
CA GLY B 32 23.06 -19.73 -15.26
C GLY B 32 22.10 -18.68 -14.76
N PRO B 33 21.90 -17.66 -15.59
CA PRO B 33 21.00 -16.57 -15.22
C PRO B 33 19.56 -17.03 -15.14
N ALA B 34 18.75 -16.21 -14.47
CA ALA B 34 17.36 -16.53 -14.25
C ALA B 34 16.52 -15.27 -14.48
N LEU B 35 15.23 -15.48 -14.74
CA LEU B 35 14.36 -14.36 -15.06
C LEU B 35 12.98 -14.65 -14.49
N ILE B 36 12.44 -13.74 -13.66
CA ILE B 36 11.07 -13.89 -13.16
C ILE B 36 10.17 -12.95 -13.95
N MET B 37 9.13 -13.50 -14.55
CA MET B 37 8.34 -12.81 -15.56
C MET B 37 6.94 -12.55 -15.05
N SER B 38 6.53 -11.27 -15.04
CA SER B 38 5.23 -10.87 -14.53
C SER B 38 4.34 -10.41 -15.67
N PRO B 39 3.11 -10.93 -15.74
CA PRO B 39 2.21 -10.63 -16.85
C PRO B 39 1.52 -9.30 -16.68
N GLY B 40 0.65 -8.99 -17.65
CA GLY B 40 -0.02 -7.71 -17.69
C GLY B 40 -1.26 -7.68 -16.80
N PHE B 41 -1.97 -6.55 -16.90
CA PHE B 41 -3.07 -6.24 -15.99
C PHE B 41 -4.13 -7.34 -15.99
N ASN B 42 -4.36 -7.92 -14.81
CA ASN B 42 -5.44 -8.90 -14.60
C ASN B 42 -5.31 -10.10 -15.54
N MET B 43 -4.09 -10.41 -16.00
CA MET B 43 -3.90 -11.47 -16.97
C MET B 43 -3.16 -12.66 -16.36
N PRO B 44 -3.51 -13.87 -16.74
CA PRO B 44 -2.73 -15.05 -16.34
C PRO B 44 -1.41 -15.13 -17.09
N LYS B 45 -0.57 -16.05 -16.62
CA LYS B 45 0.73 -16.32 -17.23
C LYS B 45 0.63 -16.85 -18.65
N ASP B 46 -0.53 -17.39 -19.05
CA ASP B 46 -0.65 -18.21 -20.26
C ASP B 46 -0.51 -17.43 -21.55
N ALA B 47 -0.65 -16.10 -21.53
CA ALA B 47 -0.74 -15.30 -22.75
C ALA B 47 0.59 -14.60 -23.02
N ILE B 48 1.14 -14.83 -24.23
CA ILE B 48 2.25 -14.09 -24.82
C ILE B 48 3.57 -14.39 -24.11
N LEU B 49 3.59 -14.25 -22.79
CA LEU B 49 4.81 -14.51 -22.03
C LEU B 49 5.41 -15.91 -22.24
N PRO B 50 4.64 -17.01 -22.39
CA PRO B 50 5.29 -18.32 -22.48
C PRO B 50 6.27 -18.43 -23.64
N ASP B 51 5.92 -17.87 -24.80
CA ASP B 51 6.82 -17.94 -25.94
C ASP B 51 8.04 -17.04 -25.75
N ILE B 52 7.87 -15.92 -25.04
CA ILE B 52 9.01 -15.09 -24.71
C ILE B 52 9.93 -15.83 -23.74
N ALA B 53 9.33 -16.54 -22.77
CA ALA B 53 10.14 -17.36 -21.88
C ALA B 53 10.91 -18.43 -22.63
N LYS B 54 10.24 -19.10 -23.59
CA LYS B 54 10.91 -20.09 -24.43
C LYS B 54 12.13 -19.48 -25.11
N TRP B 55 11.99 -18.27 -25.64
CA TRP B 55 13.10 -17.60 -26.31
C TRP B 55 14.26 -17.35 -25.34
N PHE B 56 13.96 -16.82 -24.16
CA PHE B 56 15.02 -16.59 -23.17
C PHE B 56 15.66 -17.91 -22.75
N GLN B 57 14.85 -18.94 -22.54
CA GLN B 57 15.35 -20.29 -22.22
C GLN B 57 16.31 -20.79 -23.28
N GLU B 58 15.97 -20.60 -24.56
CA GLU B 58 16.84 -20.99 -25.65
C GLU B 58 18.12 -20.18 -25.68
N HIS B 59 18.15 -18.99 -25.06
CA HIS B 59 19.37 -18.21 -24.93
C HIS B 59 20.03 -18.37 -23.55
N GLY B 60 19.71 -19.44 -22.83
CA GLY B 60 20.45 -19.80 -21.65
C GLY B 60 19.92 -19.28 -20.34
N ILE B 61 18.73 -18.67 -20.33
CA ILE B 61 18.16 -18.06 -19.12
C ILE B 61 16.99 -18.91 -18.65
N THR B 62 17.06 -19.39 -17.41
CA THR B 62 15.95 -20.08 -16.80
C THR B 62 14.86 -19.09 -16.41
N CYS B 63 13.62 -19.34 -16.84
CA CYS B 63 12.51 -18.41 -16.59
C CYS B 63 11.48 -19.02 -15.64
N LEU B 64 11.00 -18.19 -14.72
CA LEU B 64 9.84 -18.51 -13.91
C LEU B 64 8.71 -17.61 -14.39
N LEU B 65 7.58 -18.21 -14.70
CA LEU B 65 6.41 -17.50 -15.18
C LEU B 65 5.25 -17.98 -14.31
N TYR B 66 4.71 -17.11 -13.47
CA TYR B 66 3.66 -17.60 -12.56
C TYR B 66 2.44 -16.69 -12.59
N ASP B 67 1.34 -17.23 -12.11
CA ASP B 67 0.11 -16.47 -12.01
C ASP B 67 0.17 -15.62 -10.74
N PRO B 68 -0.06 -14.32 -10.82
CA PRO B 68 -0.11 -13.52 -9.59
C PRO B 68 -1.26 -13.95 -8.70
N ARG B 69 -1.25 -13.42 -7.47
CA ARG B 69 -2.29 -13.71 -6.51
C ARG B 69 -3.68 -13.45 -7.09
N GLY B 70 -4.57 -14.43 -6.90
CA GLY B 70 -5.95 -14.26 -7.33
C GLY B 70 -6.18 -14.44 -8.80
N ILE B 71 -5.18 -14.92 -9.54
CA ILE B 71 -5.23 -15.07 -10.99
C ILE B 71 -4.97 -16.52 -11.36
N GLY B 72 -5.72 -17.03 -12.34
CA GLY B 72 -5.32 -18.27 -13.00
C GLY B 72 -5.27 -19.42 -12.02
N ALA B 73 -4.12 -20.09 -11.95
CA ALA B 73 -3.97 -21.26 -11.12
C ALA B 73 -3.52 -20.96 -9.69
N SER B 74 -3.20 -19.70 -9.37
CA SER B 74 -2.68 -19.35 -8.04
C SER B 74 -3.80 -19.14 -7.02
N ASP B 75 -3.43 -19.33 -5.75
CA ASP B 75 -4.35 -19.01 -4.67
C ASP B 75 -4.61 -17.51 -4.61
N GLY B 76 -5.67 -17.15 -3.89
CA GLY B 76 -6.03 -15.78 -3.62
C GLY B 76 -7.51 -15.52 -3.69
N GLU B 77 -8.05 -14.89 -2.65
CA GLU B 77 -9.44 -14.47 -2.64
C GLU B 77 -9.52 -13.05 -2.11
N PRO B 78 -10.35 -12.19 -2.71
CA PRO B 78 -11.13 -12.43 -3.93
C PRO B 78 -10.25 -12.71 -5.15
N ARG B 79 -10.81 -13.36 -6.17
CA ARG B 79 -10.11 -13.50 -7.43
C ARG B 79 -10.05 -12.16 -8.14
N ASN B 80 -9.09 -12.04 -9.07
CA ASN B 80 -8.97 -10.83 -9.88
C ASN B 80 -9.07 -9.57 -9.03
N ASP B 81 -8.28 -9.55 -7.96
CA ASP B 81 -8.22 -8.44 -7.02
C ASP B 81 -6.77 -8.00 -6.99
N ILE B 82 -6.45 -6.90 -7.67
CA ILE B 82 -5.06 -6.57 -7.98
C ILE B 82 -4.52 -5.68 -6.87
N ASP B 83 -3.35 -6.06 -6.35
CA ASP B 83 -2.70 -5.34 -5.25
C ASP B 83 -1.23 -5.23 -5.62
N ALA B 84 -0.80 -4.08 -6.17
CA ALA B 84 0.57 -3.96 -6.63
C ALA B 84 1.57 -4.15 -5.49
N ARG B 85 1.32 -3.54 -4.33
CA ARG B 85 2.22 -3.69 -3.20
C ARG B 85 2.43 -5.17 -2.85
N GLN B 86 1.34 -5.93 -2.76
CA GLN B 86 1.47 -7.34 -2.44
C GLN B 86 2.17 -8.10 -3.56
N GLN B 87 1.86 -7.78 -4.82
CA GLN B 87 2.48 -8.53 -5.90
C GLN B 87 3.98 -8.27 -5.96
N ALA B 88 4.42 -7.04 -5.64
CA ALA B 88 5.84 -6.79 -5.49
C ALA B 88 6.43 -7.60 -4.34
N GLU B 89 5.69 -7.68 -3.22
CA GLU B 89 6.16 -8.52 -2.12
C GLU B 89 6.31 -9.95 -2.55
N HIS B 90 5.35 -10.45 -3.35
CA HIS B 90 5.43 -11.83 -3.82
C HIS B 90 6.61 -12.04 -4.76
N LEU B 91 7.01 -10.99 -5.49
CA LEU B 91 8.24 -11.05 -6.28
C LEU B 91 9.47 -11.20 -5.40
N HIS B 92 9.46 -10.66 -4.17
CA HIS B 92 10.53 -10.94 -3.24
C HIS B 92 10.55 -12.41 -2.84
N ASP B 93 9.37 -12.99 -2.59
CA ASP B 93 9.34 -14.41 -2.25
C ASP B 93 9.71 -15.27 -3.46
N ALA B 94 9.42 -14.80 -4.67
CA ALA B 94 9.83 -15.52 -5.87
C ALA B 94 11.35 -15.54 -6.00
N VAL B 95 11.99 -14.39 -5.76
CA VAL B 95 13.45 -14.33 -5.73
C VAL B 95 14.00 -15.31 -4.70
N THR B 96 13.39 -15.36 -3.52
CA THR B 96 13.85 -16.30 -2.51
C THR B 96 13.75 -17.74 -2.99
N TRP B 97 12.63 -18.10 -3.60
CA TRP B 97 12.44 -19.45 -4.14
C TRP B 97 13.50 -19.80 -5.18
N PHE B 98 13.81 -18.85 -6.07
CA PHE B 98 14.85 -19.08 -7.08
C PHE B 98 16.22 -19.22 -6.44
N LYS B 99 16.51 -18.38 -5.45
CA LYS B 99 17.78 -18.47 -4.74
C LYS B 99 17.89 -19.81 -4.02
N GLU B 100 16.85 -20.16 -3.27
CA GLU B 100 16.88 -21.38 -2.46
C GLU B 100 16.82 -22.66 -3.29
N ASN B 101 16.30 -22.60 -4.47
CA ASN B 101 16.39 -23.89 -5.17
C ASN B 101 17.72 -23.99 -5.89
N PRO B 102 18.25 -25.22 -6.12
CA PRO B 102 19.61 -25.33 -6.64
C PRO B 102 19.73 -25.40 -8.17
N LEU B 103 19.02 -24.56 -8.91
CA LEU B 103 19.09 -24.61 -10.37
C LEU B 103 19.78 -23.40 -11.01
N VAL B 104 19.69 -22.22 -10.39
CA VAL B 104 20.13 -20.98 -11.04
C VAL B 104 21.27 -20.37 -10.23
N ASN B 105 22.00 -19.46 -10.88
CA ASN B 105 23.04 -18.68 -10.23
C ASN B 105 22.41 -17.54 -9.43
N GLU B 106 22.51 -17.61 -8.10
CA GLU B 106 21.83 -16.68 -7.21
C GLU B 106 22.19 -15.20 -7.46
N LYS B 107 23.32 -14.92 -8.11
CA LYS B 107 23.70 -13.54 -8.38
C LYS B 107 23.24 -13.06 -9.76
N GLN B 108 22.45 -13.85 -10.48
CA GLN B 108 22.02 -13.52 -11.83
C GLN B 108 20.50 -13.69 -11.96
N ILE B 109 19.77 -13.25 -10.94
CA ILE B 109 18.31 -13.29 -10.93
C ILE B 109 17.80 -11.92 -11.36
N ALA B 110 17.16 -11.86 -12.52
CA ALA B 110 16.61 -10.62 -13.07
C ALA B 110 15.08 -10.66 -13.06
N LEU B 111 14.46 -9.49 -13.06
CA LEU B 111 13.00 -9.38 -13.14
C LEU B 111 12.57 -8.82 -14.48
N TRP B 112 11.47 -9.35 -15.00
CA TRP B 112 10.91 -8.94 -16.28
C TRP B 112 9.40 -8.81 -16.13
N GLY B 113 8.86 -7.72 -16.66
CA GLY B 113 7.44 -7.50 -16.52
C GLY B 113 6.81 -6.76 -17.68
N LEU B 114 5.59 -7.14 -18.03
CA LEU B 114 4.85 -6.49 -19.09
C LEU B 114 3.64 -5.76 -18.51
N CYS B 115 3.44 -4.51 -18.95
CA CYS B 115 2.20 -3.78 -18.63
C CYS B 115 2.13 -3.62 -17.12
N PHE B 116 1.05 -3.99 -16.44
CA PHE B 116 1.02 -3.89 -14.99
C PHE B 116 2.16 -4.68 -14.36
N GLY B 117 2.57 -5.79 -14.99
CA GLY B 117 3.72 -6.53 -14.48
C GLY B 117 4.99 -5.71 -14.48
N GLY B 118 5.12 -4.78 -15.44
CA GLY B 118 6.26 -3.89 -15.46
C GLY B 118 6.25 -2.91 -14.30
N ASN B 119 5.06 -2.50 -13.88
CA ASN B 119 4.92 -1.65 -12.70
C ASN B 119 5.44 -2.38 -11.48
N VAL B 120 4.91 -3.58 -11.23
CA VAL B 120 5.31 -4.39 -10.10
C VAL B 120 6.79 -4.72 -10.16
N THR B 121 7.31 -4.95 -11.37
CA THR B 121 8.73 -5.28 -11.51
C THR B 121 9.61 -4.10 -11.07
N LEU B 122 9.25 -2.89 -11.50
CA LEU B 122 10.02 -1.72 -11.09
C LEU B 122 9.93 -1.50 -9.58
N ALA B 123 8.73 -1.70 -9.01
CA ALA B 123 8.57 -1.60 -7.56
C ALA B 123 9.42 -2.62 -6.84
N ALA B 124 9.38 -3.88 -7.28
CA ALA B 124 10.16 -4.91 -6.61
C ALA B 124 11.65 -4.60 -6.69
N ALA B 125 12.11 -4.15 -7.86
CA ALA B 125 13.51 -3.78 -8.01
C ALA B 125 13.88 -2.60 -7.13
N ALA B 126 12.91 -1.75 -6.77
CA ALA B 126 13.20 -0.62 -5.89
C ALA B 126 13.52 -1.07 -4.48
N PHE B 127 13.01 -2.22 -4.05
CA PHE B 127 13.13 -2.66 -2.67
C PHE B 127 14.13 -3.78 -2.45
N ASP B 128 14.40 -4.61 -3.46
CA ASP B 128 15.10 -5.89 -3.32
C ASP B 128 16.44 -5.84 -4.06
N LYS B 129 17.52 -5.54 -3.33
CA LYS B 129 18.85 -5.51 -3.96
C LYS B 129 19.43 -6.90 -4.23
N ARG B 130 18.71 -7.99 -3.97
CA ARG B 130 19.18 -9.29 -4.45
C ARG B 130 18.94 -9.44 -5.94
N VAL B 131 18.07 -8.62 -6.51
CA VAL B 131 17.78 -8.63 -7.95
C VAL B 131 18.99 -8.06 -8.69
N ALA B 132 19.41 -8.76 -9.74
CA ALA B 132 20.57 -8.34 -10.51
C ALA B 132 20.24 -7.32 -11.58
N ALA B 133 19.01 -7.34 -12.10
CA ALA B 133 18.61 -6.47 -13.20
C ALA B 133 17.09 -6.52 -13.32
N ALA B 134 16.54 -5.49 -13.94
CA ALA B 134 15.09 -5.41 -14.12
C ALA B 134 14.75 -4.82 -15.48
N ILE B 135 13.74 -5.41 -16.13
CA ILE B 135 13.25 -4.98 -17.43
C ILE B 135 11.75 -4.75 -17.31
N ALA B 136 11.31 -3.55 -17.65
CA ALA B 136 9.88 -3.23 -17.69
C ALA B 136 9.48 -2.93 -19.14
N VAL B 137 8.55 -3.72 -19.66
CA VAL B 137 8.05 -3.54 -21.02
C VAL B 137 6.68 -2.88 -20.95
N ALA B 138 6.55 -1.71 -21.58
CA ALA B 138 5.30 -0.95 -21.61
C ALA B 138 4.62 -0.87 -20.23
N PRO B 139 5.35 -0.44 -19.20
CA PRO B 139 4.79 -0.50 -17.84
C PRO B 139 3.58 0.41 -17.68
N LEU B 140 2.57 -0.13 -17.00
CA LEU B 140 1.39 0.65 -16.65
C LEU B 140 1.73 1.54 -15.46
N ILE B 141 1.70 2.85 -15.66
CA ILE B 141 2.18 3.77 -14.64
C ILE B 141 1.04 4.26 -13.74
N ASP B 142 -0.12 4.60 -14.29
CA ASP B 142 -1.17 5.18 -13.47
C ASP B 142 -2.53 4.67 -13.93
N SER B 143 -3.34 4.20 -12.98
CA SER B 143 -4.69 3.68 -13.24
C SER B 143 -5.77 4.57 -12.64
N THR B 144 -5.44 5.82 -12.28
CA THR B 144 -6.41 6.67 -11.61
C THR B 144 -7.58 7.01 -12.53
N GLY B 145 -7.32 7.13 -13.84
CA GLY B 145 -8.37 7.55 -14.75
C GLY B 145 -8.77 8.98 -14.44
N ASN B 146 -10.06 9.26 -14.61
CA ASN B 146 -10.58 10.57 -14.22
C ASN B 146 -10.77 10.57 -12.72
N PRO B 147 -9.98 11.36 -11.96
CA PRO B 147 -10.13 11.36 -10.50
C PRO B 147 -11.47 11.86 -10.04
N GLU B 148 -12.16 12.67 -10.85
CA GLU B 148 -13.54 13.08 -10.57
C GLU B 148 -14.54 11.97 -10.78
N ARG B 149 -14.11 10.79 -11.21
CA ARG B 149 -14.99 9.64 -11.37
C ARG B 149 -14.71 8.58 -10.30
N ARG B 150 -13.80 8.88 -9.37
CA ARG B 150 -13.43 7.93 -8.32
C ARG B 150 -14.57 7.67 -7.34
N GLN B 151 -15.54 8.58 -7.21
CA GLN B 151 -16.55 8.47 -6.15
C GLN B 151 -17.43 7.23 -6.30
N PRO B 152 -18.06 6.96 -7.45
CA PRO B 152 -18.90 5.76 -7.52
C PRO B 152 -18.14 4.47 -7.22
N ILE B 153 -16.86 4.40 -7.59
CA ILE B 153 -16.10 3.18 -7.34
C ILE B 153 -15.73 3.08 -5.86
N LEU B 154 -15.29 4.18 -5.26
CA LEU B 154 -14.93 4.13 -3.84
C LEU B 154 -16.15 3.79 -2.99
N GLU B 155 -17.33 4.27 -3.39
CA GLU B 155 -18.56 3.92 -2.68
C GLU B 155 -18.85 2.44 -2.81
N LEU B 156 -18.67 1.87 -4.00
CA LEU B 156 -18.83 0.44 -4.19
C LEU B 156 -17.80 -0.34 -3.38
N ALA B 157 -16.57 0.18 -3.29
CA ALA B 157 -15.57 -0.48 -2.47
C ALA B 157 -16.00 -0.52 -1.01
N MET B 158 -16.44 0.63 -0.49
CA MET B 158 -16.98 0.65 0.87
C MET B 158 -18.14 -0.33 1.01
N HIS B 159 -18.99 -0.45 0.00
CA HIS B 159 -20.14 -1.33 0.16
C HIS B 159 -19.73 -2.80 0.07
N ASP B 160 -18.78 -3.12 -0.81
CA ASP B 160 -18.22 -4.46 -0.89
C ASP B 160 -17.67 -4.92 0.46
N ARG B 161 -16.91 -4.04 1.15
CA ARG B 161 -16.37 -4.42 2.45
C ARG B 161 -17.48 -4.82 3.41
N ALA B 162 -18.51 -3.98 3.53
CA ALA B 162 -19.59 -4.25 4.47
C ALA B 162 -20.35 -5.52 4.09
N SER B 163 -20.57 -5.72 2.78
CA SER B 163 -21.28 -6.91 2.31
C SER B 163 -20.49 -8.18 2.58
N ARG B 164 -19.19 -8.15 2.29
CA ARG B 164 -18.38 -9.35 2.50
C ARG B 164 -18.31 -9.72 3.98
N LEU B 165 -18.28 -8.71 4.85
CA LEU B 165 -18.35 -8.98 6.28
C LEU B 165 -19.65 -9.68 6.65
N ASP B 166 -20.73 -9.41 5.91
CA ASP B 166 -22.02 -10.03 6.16
C ASP B 166 -22.14 -11.43 5.57
N GLY B 167 -21.05 -11.98 5.02
CA GLY B 167 -21.09 -13.28 4.38
C GLY B 167 -21.28 -13.24 2.89
N GLU B 168 -21.51 -12.07 2.31
CA GLU B 168 -21.76 -12.00 0.88
C GLU B 168 -20.48 -12.19 0.09
N GLU B 169 -20.66 -12.52 -1.17
CA GLU B 169 -19.60 -12.74 -2.14
C GLU B 169 -18.96 -11.41 -2.54
N PRO B 170 -17.66 -11.40 -2.85
CA PRO B 170 -17.03 -10.17 -3.33
C PRO B 170 -17.72 -9.60 -4.56
N MET B 171 -17.70 -8.29 -4.65
CA MET B 171 -18.30 -7.56 -5.76
C MET B 171 -17.26 -7.34 -6.86
N TYR B 172 -17.65 -7.59 -8.10
CA TYR B 172 -16.77 -7.39 -9.24
C TYR B 172 -17.39 -6.39 -10.21
N LEU B 173 -16.53 -5.72 -10.98
CA LEU B 173 -16.95 -4.82 -12.04
C LEU B 173 -16.61 -5.39 -13.40
N PRO B 174 -17.40 -5.10 -14.43
CA PRO B 174 -17.04 -5.53 -15.78
C PRO B 174 -16.10 -4.54 -16.43
N TYR B 175 -15.35 -5.03 -17.41
CA TYR B 175 -14.58 -4.13 -18.25
C TYR B 175 -15.50 -3.17 -19.01
N VAL B 176 -16.68 -3.64 -19.42
CA VAL B 176 -17.63 -2.83 -20.16
C VAL B 176 -19.00 -3.00 -19.53
N ASN B 177 -19.55 -1.90 -19.01
CA ASN B 177 -20.90 -1.91 -18.47
C ASN B 177 -21.92 -2.27 -19.56
N GLU B 178 -23.17 -2.50 -19.14
CA GLU B 178 -24.18 -2.93 -20.10
C GLU B 178 -24.56 -1.82 -21.06
N ASP B 179 -24.47 -0.56 -20.63
CA ASP B 179 -24.75 0.55 -21.54
C ASP B 179 -23.54 0.91 -22.40
N GLY B 180 -22.53 0.05 -22.48
CA GLY B 180 -21.34 0.32 -23.25
C GLY B 180 -20.33 1.23 -22.57
N SER B 181 -20.57 1.66 -21.35
CA SER B 181 -19.63 2.54 -20.66
C SER B 181 -18.50 1.72 -20.03
N ILE B 182 -17.39 2.40 -19.78
CA ILE B 182 -16.19 1.79 -19.21
C ILE B 182 -16.02 2.35 -17.79
N PRO B 183 -15.95 1.49 -16.76
CA PRO B 183 -15.63 2.00 -15.41
C PRO B 183 -14.30 2.75 -15.36
N ASN B 184 -14.08 3.52 -14.29
CA ASN B 184 -13.13 4.62 -14.34
C ASN B 184 -11.72 4.18 -14.69
N GLY B 185 -11.18 3.20 -13.98
CA GLY B 185 -9.81 2.83 -14.24
C GLY B 185 -9.66 1.62 -15.14
N LEU B 186 -10.61 1.43 -16.06
CA LEU B 186 -10.71 0.19 -16.83
C LEU B 186 -10.59 0.42 -18.34
N GLN B 187 -9.95 1.52 -18.76
CA GLN B 187 -9.89 1.80 -20.20
C GLN B 187 -8.86 0.93 -20.90
N LEU B 188 -7.67 0.77 -20.32
CA LEU B 188 -6.71 -0.18 -20.87
C LEU B 188 -7.34 -1.57 -20.99
N ALA B 189 -7.95 -2.05 -19.91
CA ALA B 189 -8.47 -3.42 -19.89
C ALA B 189 -9.56 -3.60 -20.94
N ALA B 190 -10.51 -2.67 -20.99
CA ALA B 190 -11.60 -2.79 -21.96
C ALA B 190 -11.08 -2.71 -23.39
N GLU B 191 -9.97 -2.01 -23.60
CA GLU B 191 -9.38 -1.91 -24.92
C GLU B 191 -8.62 -3.19 -25.30
N MET B 192 -7.87 -3.75 -24.35
CA MET B 192 -7.05 -4.93 -24.67
C MET B 192 -7.86 -6.22 -24.74
N MET B 193 -8.96 -6.31 -23.99
CA MET B 193 -9.73 -7.55 -23.93
C MET B 193 -10.22 -8.02 -25.29
N PRO B 194 -10.93 -7.22 -26.11
CA PRO B 194 -11.42 -7.74 -27.40
C PRO B 194 -10.29 -8.19 -28.30
N ALA B 195 -9.14 -7.53 -28.21
CA ALA B 195 -8.00 -7.90 -29.05
C ALA B 195 -7.44 -9.26 -28.65
N LEU B 196 -7.31 -9.52 -27.34
CA LEU B 196 -6.76 -10.80 -26.92
C LEU B 196 -7.75 -11.93 -27.18
N GLU B 197 -9.04 -11.70 -26.91
CA GLU B 197 -10.07 -12.70 -27.15
C GLU B 197 -10.18 -13.04 -28.63
N ARG B 198 -10.04 -12.02 -29.47
CA ARG B 198 -10.05 -12.18 -30.93
C ARG B 198 -8.99 -13.17 -31.39
N LEU B 199 -7.86 -13.20 -30.69
CA LEU B 199 -6.77 -14.13 -30.97
C LEU B 199 -6.91 -15.43 -30.19
N GLY B 200 -8.03 -15.64 -29.51
CA GLY B 200 -8.24 -16.86 -28.77
C GLY B 200 -7.56 -16.90 -27.41
N ILE B 201 -7.08 -15.78 -26.90
CA ILE B 201 -6.48 -15.71 -25.57
C ILE B 201 -7.59 -15.46 -24.56
N PRO B 202 -7.79 -16.35 -23.58
CA PRO B 202 -8.93 -16.17 -22.66
C PRO B 202 -8.73 -14.96 -21.77
N VAL B 203 -9.77 -14.13 -21.65
CA VAL B 203 -9.70 -12.89 -20.89
C VAL B 203 -10.74 -12.95 -19.78
N GLU B 204 -10.29 -12.79 -18.54
CA GLU B 204 -11.19 -12.59 -17.40
C GLU B 204 -11.70 -11.15 -17.44
N ASN B 205 -12.96 -10.95 -17.80
CA ASN B 205 -13.48 -9.61 -18.03
C ASN B 205 -14.04 -8.98 -16.76
N ARG B 206 -13.59 -9.42 -15.59
CA ARG B 206 -14.06 -8.90 -14.31
C ARG B 206 -12.88 -8.55 -13.42
N ILE B 207 -13.07 -7.49 -12.63
CA ILE B 207 -12.04 -7.02 -11.71
C ILE B 207 -12.75 -6.68 -10.40
N SER B 208 -12.11 -7.04 -9.28
CA SER B 208 -12.68 -6.71 -7.98
C SER B 208 -12.80 -5.20 -7.84
N VAL B 209 -13.91 -4.74 -7.26
CA VAL B 209 -14.02 -3.31 -6.95
C VAL B 209 -12.90 -2.86 -6.01
N GLN B 210 -12.30 -3.78 -5.25
CA GLN B 210 -11.21 -3.39 -4.36
C GLN B 210 -9.92 -3.04 -5.10
N THR B 211 -9.80 -3.45 -6.38
CA THR B 211 -8.60 -3.11 -7.14
C THR B 211 -8.39 -1.60 -7.27
N TYR B 212 -9.46 -0.84 -7.51
CA TYR B 212 -9.31 0.61 -7.62
C TYR B 212 -8.96 1.24 -6.27
N TYR B 213 -9.52 0.71 -5.18
CA TYR B 213 -9.21 1.22 -3.84
C TYR B 213 -7.72 1.14 -3.54
N LYS B 214 -7.13 -0.05 -3.71
CA LYS B 214 -5.72 -0.23 -3.42
C LYS B 214 -4.83 0.63 -4.31
N SER B 215 -5.23 0.81 -5.56
CA SER B 215 -4.35 1.48 -6.51
C SER B 215 -4.20 2.97 -6.19
N LEU B 216 -5.17 3.58 -5.52
CA LEU B 216 -5.04 5.00 -5.22
C LEU B 216 -3.94 5.27 -4.21
N SER B 217 -3.62 4.30 -3.36
CA SER B 217 -2.51 4.43 -2.45
C SER B 217 -1.21 3.86 -3.02
N TRP B 218 -1.20 3.54 -4.33
CA TRP B 218 -0.02 3.00 -5.02
C TRP B 218 0.40 3.97 -6.12
N ASN B 219 1.62 4.49 -6.02
CA ASN B 219 2.13 5.44 -7.00
C ASN B 219 3.59 5.06 -7.24
N ILE B 220 3.84 4.35 -8.34
CA ILE B 220 5.15 3.79 -8.62
C ILE B 220 6.21 4.89 -8.63
N LEU B 221 5.84 6.12 -8.96
CA LEU B 221 6.81 7.21 -8.98
C LEU B 221 7.32 7.58 -7.60
N ASN B 222 6.65 7.10 -6.53
CA ASN B 222 7.15 7.23 -5.16
C ASN B 222 8.46 6.48 -4.93
N VAL B 223 8.78 5.45 -5.72
CA VAL B 223 9.86 4.56 -5.31
C VAL B 223 10.85 4.23 -6.43
N VAL B 224 10.53 4.57 -7.68
CA VAL B 224 11.44 4.16 -8.76
C VAL B 224 12.79 4.85 -8.66
N GLN B 225 12.88 6.00 -7.98
CA GLN B 225 14.20 6.59 -7.75
C GLN B 225 15.07 5.73 -6.84
N TYR B 226 14.48 4.76 -6.13
CA TYR B 226 15.25 3.85 -5.29
C TYR B 226 15.79 2.63 -6.04
N ILE B 227 15.47 2.48 -7.32
CA ILE B 227 15.92 1.27 -8.03
C ILE B 227 17.45 1.25 -8.14
N SER B 228 18.04 2.37 -8.53
CA SER B 228 19.49 2.42 -8.68
C SER B 228 20.16 2.02 -7.37
N PRO B 229 21.28 1.25 -7.40
CA PRO B 229 22.16 0.85 -8.51
C PRO B 229 21.77 -0.39 -9.31
N THR B 230 20.63 -0.97 -9.02
CA THR B 230 20.17 -2.11 -9.80
C THR B 230 19.95 -1.67 -11.25
N PRO B 231 20.67 -2.22 -12.21
CA PRO B 231 20.45 -1.81 -13.62
C PRO B 231 19.02 -2.09 -14.03
N ALA B 232 18.41 -1.09 -14.66
CA ALA B 232 17.01 -1.15 -15.06
C ALA B 232 16.89 -0.73 -16.51
N MET B 233 16.01 -1.43 -17.23
CA MET B 233 15.71 -1.17 -18.63
C MET B 233 14.21 -0.97 -18.82
N MET B 234 13.82 0.17 -19.38
CA MET B 234 12.43 0.38 -19.76
C MET B 234 12.29 0.25 -21.27
N VAL B 235 11.32 -0.53 -21.70
CA VAL B 235 11.01 -0.74 -23.12
C VAL B 235 9.64 -0.15 -23.39
N THR B 236 9.60 0.99 -24.09
CA THR B 236 8.38 1.78 -24.24
C THR B 236 7.91 1.86 -25.68
N PRO B 237 6.71 1.38 -26.02
CA PRO B 237 6.18 1.63 -27.36
C PRO B 237 5.94 3.12 -27.58
N GLU B 238 6.36 3.60 -28.75
CA GLU B 238 6.33 5.03 -29.04
C GLU B 238 4.90 5.55 -29.08
N LEU B 239 3.96 4.75 -29.57
CA LEU B 239 2.57 5.16 -29.75
C LEU B 239 1.65 4.43 -28.78
N ASP B 240 2.07 4.29 -27.53
CA ASP B 240 1.23 3.62 -26.54
C ASP B 240 0.13 4.58 -26.11
N VAL B 241 -1.11 4.21 -26.42
CA VAL B 241 -2.28 4.97 -25.96
C VAL B 241 -2.99 4.29 -24.80
N SER B 242 -2.63 3.04 -24.47
CA SER B 242 -3.24 2.37 -23.32
C SER B 242 -2.57 2.76 -22.01
N CYS B 243 -1.26 2.59 -21.93
CA CYS B 243 -0.40 3.22 -20.92
C CYS B 243 0.35 4.33 -21.60
N PRO B 244 -0.13 5.59 -21.52
CA PRO B 244 0.46 6.67 -22.30
C PRO B 244 1.98 6.65 -22.30
N THR B 245 2.56 6.69 -23.51
CA THR B 245 4.01 6.79 -23.65
C THR B 245 4.58 7.87 -22.74
N GLU B 246 3.84 8.97 -22.57
CA GLU B 246 4.34 10.09 -21.78
C GLU B 246 4.43 9.74 -20.30
N ASP B 247 3.46 8.98 -19.77
CA ASP B 247 3.57 8.46 -18.42
C ASP B 247 4.83 7.60 -18.29
N GLN B 248 5.06 6.73 -19.26
CA GLN B 248 6.22 5.83 -19.18
C GLN B 248 7.51 6.61 -19.18
N LEU B 249 7.64 7.58 -20.10
CA LEU B 249 8.88 8.36 -20.16
C LEU B 249 9.05 9.20 -18.90
N ASN B 250 7.95 9.76 -18.39
CA ASN B 250 8.03 10.48 -17.13
C ASN B 250 8.52 9.58 -16.00
N CYS B 251 8.04 8.33 -15.96
CA CYS B 251 8.59 7.39 -14.99
C CYS B 251 10.08 7.18 -15.22
N PHE B 252 10.49 6.97 -16.47
CA PHE B 252 11.91 6.74 -16.76
C PHE B 252 12.77 7.90 -16.29
N GLU B 253 12.28 9.14 -16.44
CA GLU B 253 13.08 10.29 -16.01
C GLU B 253 13.12 10.40 -14.49
N HIS B 254 12.17 9.79 -13.78
CA HIS B 254 12.26 9.75 -12.33
C HIS B 254 13.30 8.73 -11.85
N MET B 255 13.71 7.81 -12.70
CA MET B 255 14.71 6.81 -12.33
C MET B 255 16.12 7.36 -12.47
N LYS B 256 17.05 6.79 -11.68
CA LYS B 256 18.44 7.16 -11.73
C LYS B 256 19.25 6.17 -12.55
N GLU B 257 20.55 6.48 -12.77
CA GLU B 257 21.42 5.55 -13.47
C GLU B 257 21.92 4.48 -12.51
N PRO B 258 22.25 3.29 -13.00
CA PRO B 258 22.24 2.89 -14.42
C PRO B 258 20.85 2.48 -14.93
N LYS B 259 20.42 3.18 -15.98
CA LYS B 259 19.16 2.87 -16.64
C LYS B 259 19.36 2.96 -18.14
N GLU B 260 18.50 2.25 -18.86
CA GLU B 260 18.52 2.24 -20.31
C GLU B 260 17.10 2.22 -20.83
N LEU B 261 16.87 2.97 -21.92
CA LEU B 261 15.54 3.11 -22.50
C LEU B 261 15.53 2.59 -23.93
N ASP B 262 14.51 1.80 -24.27
CA ASP B 262 14.32 1.31 -25.63
C ASP B 262 12.94 1.72 -26.10
N ILE B 263 12.87 2.65 -27.07
CA ILE B 263 11.61 3.04 -27.69
C ILE B 263 11.31 2.09 -28.83
N LEU B 264 10.10 1.53 -28.84
CA LEU B 264 9.65 0.67 -29.94
C LEU B 264 8.93 1.57 -30.95
N LYS B 265 9.67 2.06 -31.94
CA LYS B 265 9.16 3.06 -32.86
C LYS B 265 7.92 2.58 -33.61
N GLY B 266 6.88 3.41 -33.62
CA GLY B 266 5.70 3.10 -34.41
C GLY B 266 4.85 1.96 -33.91
N LYS B 267 4.97 1.61 -32.63
CA LYS B 267 4.25 0.49 -32.05
C LYS B 267 3.36 0.96 -30.90
N GLY B 268 2.23 0.28 -30.72
CA GLY B 268 1.34 0.54 -29.61
C GLY B 268 1.60 -0.37 -28.43
N HIS B 269 0.64 -0.38 -27.49
CA HIS B 269 0.83 -1.05 -26.21
C HIS B 269 1.22 -2.52 -26.39
N LEU B 270 0.52 -3.22 -27.27
CA LEU B 270 0.77 -4.64 -27.46
C LEU B 270 1.05 -5.01 -28.91
N ASP B 271 0.77 -4.14 -29.89
CA ASP B 271 0.94 -4.63 -31.26
C ASP B 271 2.39 -4.75 -31.69
N TRP B 272 3.35 -4.43 -30.82
CA TRP B 272 4.73 -4.75 -31.13
C TRP B 272 4.96 -6.25 -31.23
N VAL B 273 4.02 -7.07 -30.71
CA VAL B 273 4.20 -8.52 -30.80
C VAL B 273 4.10 -9.06 -32.21
N PHE B 274 3.67 -8.23 -33.17
CA PHE B 274 3.65 -8.59 -34.57
C PHE B 274 4.85 -8.08 -35.33
N GLY B 275 5.72 -7.33 -34.67
CA GLY B 275 6.89 -6.73 -35.30
C GLY B 275 8.11 -7.60 -35.16
N ASP B 276 9.28 -6.96 -35.16
CA ASP B 276 10.56 -7.66 -35.06
C ASP B 276 10.86 -7.92 -33.59
N VAL B 277 10.20 -8.94 -33.03
CA VAL B 277 10.38 -9.27 -31.63
C VAL B 277 11.77 -9.86 -31.39
N GLU B 278 12.34 -10.50 -32.41
CA GLU B 278 13.68 -11.06 -32.28
C GLU B 278 14.68 -9.97 -31.91
N SER B 279 14.61 -8.82 -32.58
CA SER B 279 15.50 -7.71 -32.26
C SER B 279 15.10 -7.00 -30.97
N ILE B 280 13.80 -6.94 -30.68
CA ILE B 280 13.37 -6.45 -29.38
C ILE B 280 14.02 -7.26 -28.26
N LEU B 281 13.84 -8.58 -28.30
CA LEU B 281 14.39 -9.43 -27.25
C LEU B 281 15.91 -9.44 -27.26
N ASN B 282 16.53 -9.32 -28.45
CA ASN B 282 17.98 -9.28 -28.52
C ASN B 282 18.54 -8.08 -27.76
N ARG B 283 17.87 -6.93 -27.83
CA ARG B 283 18.34 -5.78 -27.07
C ARG B 283 18.17 -6.00 -25.56
N GLN B 284 17.16 -6.75 -25.16
CA GLN B 284 16.99 -7.07 -23.74
C GLN B 284 18.01 -8.11 -23.27
N LEU B 285 18.27 -9.10 -24.10
CA LEU B 285 19.32 -10.08 -23.80
C LEU B 285 20.67 -9.39 -23.70
N ASP B 286 20.95 -8.45 -24.60
CA ASP B 286 22.21 -7.72 -24.54
C ASP B 286 22.32 -6.91 -23.25
N PHE B 287 21.21 -6.32 -22.82
CA PHE B 287 21.18 -5.60 -21.55
C PHE B 287 21.53 -6.54 -20.40
N LEU B 288 20.92 -7.73 -20.37
CA LEU B 288 21.17 -8.68 -19.30
C LEU B 288 22.61 -9.19 -19.32
N LYS B 289 23.11 -9.54 -20.52
CA LYS B 289 24.49 -10.01 -20.66
C LYS B 289 25.49 -8.99 -20.11
N ARG B 290 25.26 -7.71 -20.39
CA ARG B 290 26.19 -6.68 -19.94
C ARG B 290 26.15 -6.50 -18.42
N HIS B 291 25.02 -6.76 -17.77
CA HIS B 291 24.92 -6.48 -16.33
C HIS B 291 24.97 -7.73 -15.47
N MET B 292 24.78 -8.92 -16.03
CA MET B 292 24.81 -10.16 -15.27
C MET B 292 25.96 -11.07 -15.69
N ALA B 293 26.84 -10.59 -16.58
CA ALA B 293 28.07 -11.27 -16.93
C ALA B 293 27.82 -12.73 -17.30
N PHE B 294 27.20 -12.90 -18.47
CA PHE B 294 27.09 -14.19 -19.10
C PHE B 294 27.08 -13.98 -20.61
#